data_9I5S
#
_entry.id   9I5S
#
_entity_poly.entity_id   1
_entity_poly.type   'polydeoxyribonucleotide'
_entity_poly.pdbx_seq_one_letter_code
;(DG)(DT)(DT)(DA)(DG)(DG)(DG)(DT)(DT)(DA)(BGM)(DG)(DG)(DT)(DT)(DA)(DG)(DG)(DG)
(DT)(DT)(DA)(DG)(DG)
;
_entity_poly.pdbx_strand_id   A
#